data_2CZF
#
_entry.id   2CZF
#
_cell.length_a   44.054
_cell.length_b   73.134
_cell.length_c   61.979
_cell.angle_alpha   90.00
_cell.angle_beta   100.84
_cell.angle_gamma   90.00
#
_symmetry.space_group_name_H-M   'P 1 21 1'
#
loop_
_entity.id
_entity.type
_entity.pdbx_description
1 polymer "Orotidine 5'-phosphate decarboxylase"
2 non-polymer "XANTHOSINE-5'-MONOPHOSPHATE"
3 water water
#
_entity_poly.entity_id   1
_entity_poly.type   'polypeptide(L)'
_entity_poly.pdbx_seq_one_letter_code
;MIVLALDVYEGERAIKIAKSVKDYISMIKVNWPLILGSGVDIIRRLKEETGVEIIADLKLADIPNTNRLIARKVFGAGAD
YVIVHTFVGRDSVMAVKELGEIIMVVEMSHPGALEFINPLTDRFIEVANEIEPFGVIAPGTRPERIGYIRDRLKEGIKIL
APGIGAQGGKAKDAVKAGADYIIVGRAIYNAPNPREAAKAIYDEIRGV
;
_entity_poly.pdbx_strand_id   A,B
#
# COMPACT_ATOMS: atom_id res chain seq x y z
N MET A 1 24.21 -4.05 -11.63
CA MET A 1 23.73 -4.46 -10.29
C MET A 1 22.26 -4.92 -10.36
N ILE A 2 22.08 -6.22 -10.16
CA ILE A 2 20.77 -6.88 -10.27
C ILE A 2 19.90 -7.00 -9.01
N VAL A 3 18.61 -6.76 -9.18
CA VAL A 3 17.66 -6.90 -8.08
C VAL A 3 16.71 -8.04 -8.42
N LEU A 4 16.69 -9.08 -7.60
CA LEU A 4 15.83 -10.23 -7.84
C LEU A 4 14.43 -10.01 -7.25
N ALA A 5 13.42 -10.05 -8.11
CA ALA A 5 12.04 -9.88 -7.69
C ALA A 5 11.57 -11.29 -7.31
N LEU A 6 11.69 -11.61 -6.03
CA LEU A 6 11.33 -12.94 -5.56
C LEU A 6 9.82 -13.15 -5.51
N ASP A 7 9.19 -13.05 -6.66
CA ASP A 7 7.75 -13.23 -6.76
C ASP A 7 7.36 -14.68 -6.93
N VAL A 8 7.91 -15.51 -6.05
CA VAL A 8 7.64 -16.94 -6.00
C VAL A 8 7.08 -17.12 -4.59
N TYR A 9 5.80 -16.74 -4.46
CA TYR A 9 5.05 -16.73 -3.21
C TYR A 9 4.92 -18.01 -2.40
N GLU A 10 5.56 -19.08 -2.83
CA GLU A 10 5.52 -20.33 -2.10
C GLU A 10 6.80 -20.44 -1.32
N GLY A 11 6.56 -20.63 -0.04
CA GLY A 11 7.53 -20.76 1.01
C GLY A 11 8.93 -21.16 0.65
N GLU A 12 9.40 -22.13 1.35
CA GLU A 12 10.76 -22.56 1.09
C GLU A 12 11.27 -22.51 -0.39
N ARG A 13 10.46 -22.80 -1.46
CA ARG A 13 10.88 -22.77 -2.90
C ARG A 13 11.36 -21.39 -3.36
N ALA A 14 10.89 -20.37 -2.66
CA ALA A 14 11.25 -18.98 -2.92
C ALA A 14 12.65 -18.73 -2.37
N ILE A 15 12.89 -19.20 -1.14
CA ILE A 15 14.18 -19.03 -0.48
C ILE A 15 15.29 -19.82 -1.15
N LYS A 16 14.96 -21.01 -1.63
CA LYS A 16 15.94 -21.85 -2.28
C LYS A 16 16.52 -21.11 -3.48
N ILE A 17 15.65 -20.58 -4.33
CA ILE A 17 16.05 -19.85 -5.53
C ILE A 17 16.94 -18.65 -5.23
N ALA A 18 16.60 -17.90 -4.19
CA ALA A 18 17.35 -16.70 -3.81
C ALA A 18 18.74 -16.97 -3.24
N LYS A 19 18.89 -18.02 -2.45
CA LYS A 19 20.18 -18.35 -1.86
C LYS A 19 21.19 -18.77 -2.93
N SER A 20 20.72 -19.50 -3.93
CA SER A 20 21.59 -20.00 -4.99
C SER A 20 22.06 -18.94 -6.00
N VAL A 21 21.38 -17.81 -6.06
CA VAL A 21 21.77 -16.76 -7.00
C VAL A 21 22.42 -15.59 -6.26
N LYS A 22 22.53 -15.72 -4.94
CA LYS A 22 23.10 -14.66 -4.12
C LYS A 22 24.39 -14.05 -4.66
N ASP A 23 25.19 -14.87 -5.35
CA ASP A 23 26.46 -14.40 -5.90
C ASP A 23 26.35 -13.36 -7.01
N TYR A 24 25.22 -13.36 -7.73
CA TYR A 24 25.02 -12.44 -8.84
C TYR A 24 24.03 -11.30 -8.64
N ILE A 25 23.44 -11.21 -7.45
CA ILE A 25 22.48 -10.14 -7.21
C ILE A 25 22.94 -9.20 -6.10
N SER A 26 22.44 -7.96 -6.13
CA SER A 26 22.80 -6.95 -5.16
C SER A 26 21.74 -6.76 -4.07
N MET A 27 20.48 -7.01 -4.43
CA MET A 27 19.38 -6.91 -3.48
C MET A 27 18.31 -7.90 -3.85
N ILE A 28 17.41 -8.14 -2.91
CA ILE A 28 16.28 -9.04 -3.11
C ILE A 28 15.06 -8.18 -2.84
N LYS A 29 14.11 -8.17 -3.77
CA LYS A 29 12.90 -7.37 -3.59
C LYS A 29 11.71 -8.27 -3.24
N VAL A 30 11.03 -7.99 -2.12
CA VAL A 30 9.86 -8.78 -1.75
C VAL A 30 8.62 -7.86 -1.74
N ASN A 31 7.45 -8.45 -2.00
CA ASN A 31 6.23 -7.68 -2.06
C ASN A 31 5.21 -8.10 -0.99
N TRP A 32 4.03 -7.48 -1.02
CA TRP A 32 3.01 -7.82 -0.03
C TRP A 32 2.56 -9.29 -0.10
N PRO A 33 2.36 -9.84 -1.31
CA PRO A 33 1.93 -11.25 -1.35
C PRO A 33 2.84 -12.20 -0.58
N LEU A 34 4.14 -12.10 -0.79
CA LEU A 34 5.10 -12.96 -0.10
C LEU A 34 5.00 -12.75 1.40
N ILE A 35 4.94 -11.49 1.81
CA ILE A 35 4.83 -11.12 3.20
C ILE A 35 3.56 -11.68 3.85
N LEU A 36 2.46 -11.60 3.10
CA LEU A 36 1.18 -12.11 3.59
C LEU A 36 1.23 -13.63 3.70
N GLY A 37 1.76 -14.26 2.65
CA GLY A 37 1.84 -15.72 2.61
C GLY A 37 2.83 -16.35 3.57
N SER A 38 3.95 -15.69 3.83
CA SER A 38 4.96 -16.26 4.73
C SER A 38 5.14 -15.52 6.04
N GLY A 39 4.58 -14.32 6.14
CA GLY A 39 4.74 -13.55 7.35
C GLY A 39 5.91 -12.61 7.15
N VAL A 40 5.92 -11.49 7.87
CA VAL A 40 7.00 -10.53 7.72
C VAL A 40 8.36 -11.16 8.06
N ASP A 41 8.33 -12.38 8.57
CA ASP A 41 9.55 -13.09 8.93
C ASP A 41 10.35 -13.52 7.71
N ILE A 42 9.67 -13.79 6.62
CA ILE A 42 10.35 -14.21 5.40
C ILE A 42 11.45 -13.19 5.08
N ILE A 43 11.36 -12.00 5.69
CA ILE A 43 12.35 -10.96 5.46
C ILE A 43 13.66 -11.26 6.19
N ARG A 44 13.61 -11.27 7.52
CA ARG A 44 14.79 -11.55 8.35
C ARG A 44 15.53 -12.78 7.85
N ARG A 45 14.74 -13.71 7.35
CA ARG A 45 15.24 -14.97 6.87
C ARG A 45 15.78 -15.00 5.44
N LEU A 46 15.15 -14.24 4.54
CA LEU A 46 15.66 -14.20 3.16
C LEU A 46 17.07 -13.67 3.27
N LYS A 47 17.28 -12.90 4.34
CA LYS A 47 18.55 -12.27 4.63
C LYS A 47 19.61 -13.27 5.10
N GLU A 48 19.43 -13.78 6.30
CA GLU A 48 20.36 -14.74 6.89
C GLU A 48 20.39 -16.08 6.17
N GLU A 49 20.22 -16.06 4.85
CA GLU A 49 20.23 -17.27 4.06
C GLU A 49 20.76 -16.94 2.66
N THR A 50 20.96 -15.65 2.41
CA THR A 50 21.48 -15.17 1.13
C THR A 50 22.53 -14.10 1.34
N GLY A 51 22.46 -13.40 2.46
CA GLY A 51 23.40 -12.33 2.74
C GLY A 51 23.23 -11.14 1.81
N VAL A 52 22.04 -10.99 1.22
CA VAL A 52 21.76 -9.89 0.30
C VAL A 52 20.77 -8.86 0.86
N GLU A 53 21.03 -7.58 0.60
CA GLU A 53 20.14 -6.52 1.09
C GLU A 53 18.72 -6.77 0.58
N ILE A 54 17.73 -6.23 1.28
CA ILE A 54 16.35 -6.45 0.86
C ILE A 54 15.53 -5.17 0.69
N ILE A 55 14.75 -5.15 -0.38
CA ILE A 55 13.87 -4.04 -0.72
C ILE A 55 12.46 -4.53 -0.48
N ALA A 56 11.71 -3.84 0.37
CA ALA A 56 10.33 -4.23 0.63
C ALA A 56 9.45 -3.39 -0.30
N ASP A 57 8.97 -4.01 -1.38
CA ASP A 57 8.15 -3.32 -2.34
C ASP A 57 6.75 -3.22 -1.77
N LEU A 58 6.51 -2.18 -0.97
CA LEU A 58 5.19 -2.02 -0.35
C LEU A 58 4.37 -0.90 -0.98
N LYS A 59 5.03 0.02 -1.67
CA LYS A 59 4.33 1.17 -2.25
C LYS A 59 3.45 1.85 -1.19
N LEU A 60 4.05 2.15 -0.04
CA LEU A 60 3.31 2.79 1.04
C LEU A 60 2.59 4.05 0.52
N ALA A 61 1.34 4.16 0.91
CA ALA A 61 0.50 5.27 0.49
C ALA A 61 -0.55 5.56 1.55
N ASP A 62 -0.14 5.63 2.80
CA ASP A 62 -1.07 5.94 3.87
C ASP A 62 -0.64 7.21 4.55
N ILE A 63 -1.33 7.57 5.62
CA ILE A 63 -1.00 8.76 6.38
C ILE A 63 0.34 8.56 7.07
N PRO A 64 1.00 9.66 7.46
CA PRO A 64 2.30 9.57 8.11
C PRO A 64 2.47 8.58 9.26
N ASN A 65 1.60 8.63 10.26
CA ASN A 65 1.80 7.73 11.39
C ASN A 65 1.63 6.26 11.03
N THR A 66 0.75 5.97 10.08
CA THR A 66 0.56 4.58 9.69
C THR A 66 1.74 4.16 8.81
N ASN A 67 2.21 5.07 7.94
CA ASN A 67 3.36 4.72 7.10
C ASN A 67 4.52 4.41 8.05
N ARG A 68 4.67 5.24 9.08
CA ARG A 68 5.76 5.06 10.06
C ARG A 68 5.71 3.70 10.73
N LEU A 69 4.53 3.35 11.21
CA LEU A 69 4.33 2.06 11.90
C LEU A 69 4.69 0.90 10.99
N ILE A 70 4.25 0.96 9.75
CA ILE A 70 4.54 -0.12 8.82
C ILE A 70 6.06 -0.19 8.58
N ALA A 71 6.67 0.96 8.30
CA ALA A 71 8.12 1.04 8.06
C ALA A 71 8.91 0.46 9.24
N ARG A 72 8.61 0.94 10.44
CA ARG A 72 9.28 0.47 11.64
C ARG A 72 9.24 -1.04 11.73
N LYS A 73 8.07 -1.61 11.47
CA LYS A 73 7.91 -3.05 11.52
C LYS A 73 8.69 -3.77 10.40
N VAL A 74 8.62 -3.22 9.19
CA VAL A 74 9.31 -3.83 8.05
C VAL A 74 10.82 -3.60 8.11
N PHE A 75 11.26 -2.39 8.43
CA PHE A 75 12.69 -2.12 8.54
C PHE A 75 13.16 -2.95 9.72
N GLY A 76 12.38 -2.88 10.81
CA GLY A 76 12.71 -3.63 12.00
C GLY A 76 12.88 -5.11 11.74
N ALA A 77 12.18 -5.61 10.73
CA ALA A 77 12.25 -7.02 10.36
C ALA A 77 13.49 -7.33 9.53
N GLY A 78 14.22 -6.30 9.13
CA GLY A 78 15.42 -6.51 8.33
C GLY A 78 15.46 -5.88 6.94
N ALA A 79 14.35 -5.29 6.49
CA ALA A 79 14.35 -4.65 5.18
C ALA A 79 15.35 -3.52 5.18
N ASP A 80 16.07 -3.34 4.07
CA ASP A 80 17.04 -2.25 3.96
C ASP A 80 16.44 -1.02 3.27
N TYR A 81 15.46 -1.23 2.39
CA TYR A 81 14.82 -0.12 1.69
C TYR A 81 13.33 -0.41 1.63
N VAL A 82 12.52 0.64 1.58
CA VAL A 82 11.08 0.48 1.46
C VAL A 82 10.63 1.36 0.30
N ILE A 83 9.84 0.80 -0.62
CA ILE A 83 9.35 1.58 -1.75
C ILE A 83 8.08 2.28 -1.29
N VAL A 84 8.00 3.58 -1.55
CA VAL A 84 6.86 4.40 -1.13
C VAL A 84 6.38 5.24 -2.29
N HIS A 85 5.09 5.53 -2.33
CA HIS A 85 4.52 6.37 -3.39
C HIS A 85 4.82 7.80 -3.05
N THR A 86 4.85 8.66 -4.08
CA THR A 86 5.10 10.08 -3.90
C THR A 86 3.74 10.82 -3.78
N PHE A 87 2.74 10.26 -4.46
CA PHE A 87 1.38 10.82 -4.57
C PHE A 87 0.71 11.27 -3.27
N VAL A 88 0.93 10.51 -2.20
CA VAL A 88 0.28 10.84 -0.94
C VAL A 88 0.89 12.02 -0.20
N GLY A 89 2.02 12.54 -0.69
CA GLY A 89 2.63 13.69 -0.05
C GLY A 89 3.97 13.52 0.62
N ARG A 90 4.65 14.63 0.86
CA ARG A 90 5.97 14.59 1.47
C ARG A 90 6.00 14.15 2.94
N ASP A 91 5.02 14.54 3.74
CA ASP A 91 5.05 14.11 5.13
C ASP A 91 5.00 12.58 5.23
N SER A 92 4.25 11.94 4.34
CA SER A 92 4.14 10.49 4.36
C SER A 92 5.43 9.81 3.90
N VAL A 93 6.16 10.47 3.00
CA VAL A 93 7.42 9.93 2.53
C VAL A 93 8.46 10.09 3.63
N MET A 94 8.51 11.29 4.21
CA MET A 94 9.51 11.56 5.24
C MET A 94 9.33 10.68 6.49
N ALA A 95 8.08 10.29 6.78
CA ALA A 95 7.78 9.45 7.93
C ALA A 95 8.48 8.10 7.81
N VAL A 96 8.66 7.65 6.57
CA VAL A 96 9.32 6.37 6.32
C VAL A 96 10.83 6.55 6.24
N LYS A 97 11.26 7.61 5.56
CA LYS A 97 12.67 7.91 5.36
C LYS A 97 13.40 8.13 6.68
N GLU A 98 12.65 8.65 7.66
CA GLU A 98 13.22 8.93 8.97
C GLU A 98 13.68 7.64 9.67
N LEU A 99 13.12 6.50 9.26
CA LEU A 99 13.47 5.22 9.86
C LEU A 99 14.38 4.34 9.01
N GLY A 100 14.53 4.66 7.73
CA GLY A 100 15.39 3.86 6.86
C GLY A 100 15.44 4.41 5.43
N GLU A 101 16.19 3.72 4.56
CA GLU A 101 16.33 4.13 3.16
C GLU A 101 15.04 3.92 2.40
N ILE A 102 14.71 4.84 1.49
CA ILE A 102 13.49 4.71 0.70
C ILE A 102 13.74 4.80 -0.80
N ILE A 103 12.79 4.25 -1.56
CA ILE A 103 12.83 4.30 -3.03
C ILE A 103 11.45 4.83 -3.38
N MET A 104 11.41 5.95 -4.10
CA MET A 104 10.13 6.58 -4.43
C MET A 104 9.57 6.22 -5.79
N VAL A 105 8.25 6.09 -5.85
CA VAL A 105 7.57 5.78 -7.10
C VAL A 105 7.21 7.10 -7.81
N VAL A 106 7.81 7.34 -8.98
CA VAL A 106 7.52 8.56 -9.73
C VAL A 106 6.80 8.31 -11.07
N GLU A 107 6.74 7.06 -11.47
CA GLU A 107 6.09 6.65 -12.74
C GLU A 107 5.76 5.17 -12.71
N MET A 108 4.68 4.76 -13.40
CA MET A 108 4.29 3.34 -13.40
C MET A 108 4.04 2.83 -14.83
N SER A 109 4.05 1.51 -15.02
CA SER A 109 3.90 1.01 -16.38
C SER A 109 2.60 0.34 -16.81
N HIS A 110 1.60 0.27 -15.93
CA HIS A 110 0.34 -0.34 -16.30
C HIS A 110 -0.56 0.72 -16.99
N PRO A 111 -1.56 0.26 -17.76
CA PRO A 111 -2.46 1.19 -18.45
C PRO A 111 -3.02 2.29 -17.52
N GLY A 112 -3.40 1.90 -16.31
CA GLY A 112 -3.94 2.87 -15.38
C GLY A 112 -2.98 3.97 -14.98
N ALA A 113 -1.68 3.73 -15.13
CA ALA A 113 -0.69 4.73 -14.76
C ALA A 113 -0.87 6.02 -15.57
N LEU A 114 -1.35 5.89 -16.80
CA LEU A 114 -1.50 7.09 -17.63
C LEU A 114 -2.61 8.02 -17.16
N GLU A 115 -3.49 7.53 -16.28
CA GLU A 115 -4.60 8.34 -15.82
C GLU A 115 -4.24 9.46 -14.84
N PHE A 116 -3.43 9.18 -13.83
CA PHE A 116 -3.09 10.23 -12.86
C PHE A 116 -1.62 10.31 -12.48
N ILE A 117 -0.98 9.15 -12.36
CA ILE A 117 0.41 9.08 -11.96
C ILE A 117 1.38 9.61 -13.01
N ASN A 118 1.41 9.01 -14.20
CA ASN A 118 2.34 9.44 -15.23
C ASN A 118 2.22 10.91 -15.64
N PRO A 119 1.01 11.48 -15.63
CA PRO A 119 0.91 12.88 -16.00
C PRO A 119 1.65 13.76 -14.97
N LEU A 120 1.89 13.20 -13.78
CA LEU A 120 2.57 13.93 -12.70
C LEU A 120 4.04 13.54 -12.47
N THR A 121 4.55 12.64 -13.30
CA THR A 121 5.94 12.20 -13.17
C THR A 121 6.95 13.35 -13.07
N ASP A 122 6.83 14.37 -13.91
CA ASP A 122 7.77 15.49 -13.83
C ASP A 122 7.74 16.11 -12.44
N ARG A 123 6.55 16.24 -11.89
CA ARG A 123 6.41 16.84 -10.56
C ARG A 123 6.92 15.89 -9.48
N PHE A 124 6.71 14.59 -9.65
CA PHE A 124 7.18 13.64 -8.66
C PHE A 124 8.72 13.58 -8.64
N ILE A 125 9.33 13.76 -9.81
CA ILE A 125 10.77 13.72 -9.92
C ILE A 125 11.32 14.88 -9.11
N GLU A 126 10.69 16.03 -9.23
CA GLU A 126 11.14 17.20 -8.48
C GLU A 126 10.98 17.01 -6.98
N VAL A 127 9.93 16.31 -6.57
CA VAL A 127 9.78 16.03 -5.15
C VAL A 127 10.95 15.12 -4.76
N ALA A 128 11.23 14.13 -5.60
CA ALA A 128 12.33 13.21 -5.32
C ALA A 128 13.64 13.96 -5.22
N ASN A 129 13.82 14.95 -6.10
CA ASN A 129 15.04 15.73 -6.07
C ASN A 129 15.22 16.49 -4.75
N GLU A 130 14.12 16.98 -4.19
CA GLU A 130 14.20 17.70 -2.92
C GLU A 130 14.42 16.79 -1.71
N ILE A 131 13.76 15.63 -1.72
CA ILE A 131 13.84 14.66 -0.63
C ILE A 131 15.12 13.83 -0.69
N GLU A 132 15.64 13.62 -1.87
CA GLU A 132 16.85 12.85 -2.04
C GLU A 132 16.78 11.46 -1.46
N PRO A 133 15.86 10.64 -1.98
CA PRO A 133 15.75 9.28 -1.47
C PRO A 133 16.94 8.51 -2.03
N PHE A 134 17.13 7.27 -1.59
CA PHE A 134 18.21 6.44 -2.11
C PHE A 134 18.00 6.27 -3.62
N GLY A 135 16.74 6.19 -4.03
CA GLY A 135 16.46 6.01 -5.46
C GLY A 135 15.01 6.15 -5.87
N VAL A 136 14.75 5.97 -7.17
CA VAL A 136 13.39 6.04 -7.67
C VAL A 136 13.23 4.88 -8.65
N ILE A 137 12.00 4.41 -8.80
CA ILE A 137 11.72 3.32 -9.74
C ILE A 137 11.41 3.94 -11.09
N ALA A 138 11.86 3.29 -12.16
CA ALA A 138 11.61 3.79 -13.50
C ALA A 138 11.36 2.59 -14.41
N PRO A 139 10.10 2.38 -14.82
CA PRO A 139 9.81 1.24 -15.70
C PRO A 139 10.80 1.25 -16.86
N GLY A 140 11.51 0.14 -17.04
CA GLY A 140 12.51 0.10 -18.10
C GLY A 140 12.11 -0.65 -19.35
N THR A 141 10.82 -0.88 -19.53
CA THR A 141 10.33 -1.57 -20.72
C THR A 141 10.78 -0.77 -21.93
N ARG A 142 10.88 0.54 -21.74
CA ARG A 142 11.29 1.46 -22.80
C ARG A 142 12.48 2.30 -22.31
N PRO A 143 13.70 1.98 -22.77
CA PRO A 143 14.90 2.70 -22.35
C PRO A 143 14.75 4.22 -22.42
N GLU A 144 13.94 4.69 -23.36
CA GLU A 144 13.71 6.12 -23.52
C GLU A 144 13.25 6.76 -22.22
N ARG A 145 12.39 6.06 -21.48
CA ARG A 145 11.86 6.58 -20.22
C ARG A 145 12.90 6.62 -19.10
N ILE A 146 13.80 5.65 -19.10
CA ILE A 146 14.85 5.63 -18.08
C ILE A 146 15.72 6.86 -18.29
N GLY A 147 16.04 7.16 -19.55
CA GLY A 147 16.88 8.31 -19.86
C GLY A 147 16.17 9.61 -19.55
N TYR A 148 14.87 9.63 -19.83
CA TYR A 148 14.04 10.81 -19.57
C TYR A 148 14.13 11.20 -18.10
N ILE A 149 13.95 10.19 -17.25
CA ILE A 149 14.00 10.40 -15.82
C ILE A 149 15.42 10.74 -15.39
N ARG A 150 16.38 9.99 -15.92
CA ARG A 150 17.77 10.24 -15.57
C ARG A 150 18.18 11.68 -15.87
N ASP A 151 17.69 12.23 -16.97
CA ASP A 151 18.02 13.60 -17.34
C ASP A 151 17.48 14.62 -16.35
N ARG A 152 16.37 14.28 -15.71
CA ARG A 152 15.75 15.19 -14.77
C ARG A 152 16.03 14.90 -13.29
N LEU A 153 16.55 13.72 -12.99
CA LEU A 153 16.82 13.32 -11.62
C LEU A 153 18.23 13.68 -11.16
N LYS A 154 18.31 14.17 -9.92
CA LYS A 154 19.57 14.59 -9.32
C LYS A 154 20.60 13.45 -9.26
N GLU A 155 21.85 13.74 -9.62
CA GLU A 155 22.91 12.74 -9.54
C GLU A 155 23.03 12.30 -8.10
N GLY A 156 23.25 11.01 -7.89
CA GLY A 156 23.37 10.56 -6.53
C GLY A 156 22.12 9.81 -6.15
N ILE A 157 21.02 10.08 -6.84
CA ILE A 157 19.76 9.37 -6.60
C ILE A 157 19.76 8.28 -7.65
N LYS A 158 19.71 7.04 -7.20
CA LYS A 158 19.76 5.88 -8.08
C LYS A 158 18.44 5.61 -8.80
N ILE A 159 18.53 4.85 -9.89
CA ILE A 159 17.34 4.47 -10.65
C ILE A 159 17.32 2.95 -10.70
N LEU A 160 16.20 2.36 -10.29
CA LEU A 160 16.05 0.91 -10.32
C LEU A 160 14.94 0.66 -11.33
N ALA A 161 15.19 -0.25 -12.28
CA ALA A 161 14.23 -0.51 -13.35
C ALA A 161 13.67 -1.92 -13.51
N PRO A 162 12.35 -2.07 -13.31
CA PRO A 162 11.68 -3.36 -13.46
C PRO A 162 11.17 -3.44 -14.90
N GLY A 163 10.57 -4.56 -15.29
CA GLY A 163 10.07 -4.69 -16.64
C GLY A 163 11.15 -4.68 -17.71
N ILE A 164 12.23 -5.41 -17.45
CA ILE A 164 13.32 -5.51 -18.40
C ILE A 164 12.94 -6.64 -19.37
N GLY A 165 13.06 -6.35 -20.66
CA GLY A 165 12.72 -7.32 -21.68
C GLY A 165 13.56 -8.59 -21.62
N ALA A 166 13.01 -9.68 -22.12
CA ALA A 166 13.70 -10.97 -22.12
C ALA A 166 14.77 -11.14 -23.21
N GLN A 167 14.73 -10.28 -24.22
CA GLN A 167 15.70 -10.36 -25.32
C GLN A 167 17.11 -10.03 -24.86
N GLY A 168 18.09 -10.75 -25.42
CA GLY A 168 19.47 -10.52 -25.08
C GLY A 168 19.89 -9.11 -25.46
N GLY A 169 20.42 -8.36 -24.50
CA GLY A 169 20.82 -6.99 -24.78
C GLY A 169 19.96 -5.96 -24.06
N LYS A 170 18.71 -6.33 -23.75
CA LYS A 170 17.77 -5.45 -23.05
C LYS A 170 18.30 -4.97 -21.69
N ALA A 171 18.82 -5.90 -20.90
CA ALA A 171 19.35 -5.61 -19.57
C ALA A 171 20.50 -4.63 -19.67
N LYS A 172 21.36 -4.84 -20.66
CA LYS A 172 22.50 -3.96 -20.89
C LYS A 172 22.02 -2.58 -21.33
N ASP A 173 21.03 -2.56 -22.21
CA ASP A 173 20.50 -1.29 -22.70
C ASP A 173 19.82 -0.49 -21.59
N ALA A 174 19.13 -1.14 -20.67
CA ALA A 174 18.46 -0.43 -19.59
C ALA A 174 19.51 0.25 -18.70
N VAL A 175 20.62 -0.44 -18.46
CA VAL A 175 21.69 0.13 -17.64
C VAL A 175 22.34 1.28 -18.39
N LYS A 176 22.54 1.11 -19.69
CA LYS A 176 23.15 2.16 -20.48
C LYS A 176 22.23 3.39 -20.49
N ALA A 177 20.93 3.14 -20.50
CA ALA A 177 19.95 4.23 -20.51
C ALA A 177 19.96 5.05 -19.21
N GLY A 178 20.52 4.47 -18.14
CA GLY A 178 20.57 5.20 -16.88
C GLY A 178 20.13 4.45 -15.63
N ALA A 179 19.81 3.17 -15.77
CA ALA A 179 19.38 2.37 -14.63
C ALA A 179 20.58 1.90 -13.83
N ASP A 180 20.59 2.15 -12.52
CA ASP A 180 21.71 1.70 -11.70
C ASP A 180 21.46 0.25 -11.31
N TYR A 181 20.19 -0.12 -11.22
CA TYR A 181 19.79 -1.48 -10.87
C TYR A 181 18.67 -1.93 -11.80
N ILE A 182 18.72 -3.18 -12.25
CA ILE A 182 17.62 -3.67 -13.08
C ILE A 182 16.94 -4.70 -12.20
N ILE A 183 15.62 -4.63 -12.15
CA ILE A 183 14.84 -5.54 -11.33
C ILE A 183 14.31 -6.64 -12.22
N VAL A 184 14.76 -7.86 -11.96
CA VAL A 184 14.33 -9.01 -12.77
C VAL A 184 13.68 -10.07 -11.91
N GLY A 185 12.56 -10.61 -12.39
CA GLY A 185 11.86 -11.65 -11.65
C GLY A 185 11.74 -12.93 -12.48
N ARG A 186 10.69 -13.02 -13.28
CA ARG A 186 10.42 -14.20 -14.12
C ARG A 186 11.67 -14.81 -14.76
N ALA A 187 12.23 -14.08 -15.73
CA ALA A 187 13.40 -14.53 -16.48
C ALA A 187 14.47 -15.20 -15.63
N ILE A 188 14.38 -15.08 -14.31
CA ILE A 188 15.35 -15.71 -13.43
C ILE A 188 14.75 -16.86 -12.60
N TYR A 189 13.80 -16.54 -11.73
CA TYR A 189 13.20 -17.56 -10.88
C TYR A 189 12.36 -18.63 -11.59
N ASN A 190 12.06 -18.41 -12.87
CA ASN A 190 11.28 -19.39 -13.64
C ASN A 190 12.07 -19.94 -14.81
N ALA A 191 13.40 -19.85 -14.71
CA ALA A 191 14.27 -20.36 -15.76
C ALA A 191 14.79 -21.71 -15.31
N PRO A 192 15.04 -22.61 -16.28
CA PRO A 192 15.54 -23.95 -15.94
C PRO A 192 16.63 -23.89 -14.87
N ASN A 193 17.64 -23.05 -15.09
CA ASN A 193 18.73 -22.89 -14.14
C ASN A 193 18.84 -21.45 -13.68
N PRO A 194 18.30 -21.14 -12.48
CA PRO A 194 18.31 -19.79 -11.91
C PRO A 194 19.70 -19.13 -11.85
N ARG A 195 20.66 -19.78 -11.21
CA ARG A 195 21.99 -19.21 -11.10
C ARG A 195 22.55 -18.90 -12.48
N GLU A 196 22.29 -19.78 -13.43
CA GLU A 196 22.78 -19.60 -14.79
C GLU A 196 22.13 -18.35 -15.40
N ALA A 197 20.81 -18.26 -15.32
CA ALA A 197 20.10 -17.12 -15.86
C ALA A 197 20.58 -15.84 -15.16
N ALA A 198 20.82 -15.94 -13.86
CA ALA A 198 21.29 -14.78 -13.11
C ALA A 198 22.68 -14.38 -13.63
N LYS A 199 23.53 -15.37 -13.83
CA LYS A 199 24.87 -15.13 -14.32
C LYS A 199 24.86 -14.51 -15.72
N ALA A 200 23.94 -14.98 -16.56
CA ALA A 200 23.84 -14.48 -17.92
C ALA A 200 23.51 -13.00 -17.91
N ILE A 201 22.51 -12.64 -17.11
CA ILE A 201 22.10 -11.23 -17.02
C ILE A 201 23.25 -10.41 -16.47
N TYR A 202 23.93 -10.98 -15.47
CA TYR A 202 25.07 -10.34 -14.82
C TYR A 202 26.21 -10.12 -15.81
N ASP A 203 26.54 -11.16 -16.59
CA ASP A 203 27.62 -11.07 -17.58
C ASP A 203 27.24 -10.09 -18.68
N GLU A 204 25.98 -10.15 -19.12
CA GLU A 204 25.52 -9.24 -20.17
C GLU A 204 25.80 -7.82 -19.71
N ILE A 205 25.31 -7.48 -18.53
CA ILE A 205 25.47 -6.15 -17.98
C ILE A 205 26.89 -5.62 -18.00
N ARG A 206 27.86 -6.39 -17.52
CA ARG A 206 29.24 -5.89 -17.53
C ARG A 206 29.95 -6.03 -18.89
N GLY A 207 29.14 -6.05 -19.95
CA GLY A 207 29.66 -6.13 -21.31
C GLY A 207 30.42 -7.36 -21.78
N VAL A 208 30.59 -8.36 -20.92
CA VAL A 208 31.33 -9.57 -21.31
C VAL A 208 30.79 -10.85 -20.66
N MET B 1 -24.07 4.10 12.40
CA MET B 1 -23.47 2.74 12.30
C MET B 1 -21.97 2.86 12.47
N ILE B 2 -21.44 2.28 13.54
CA ILE B 2 -20.02 2.37 13.85
C ILE B 2 -19.08 1.35 13.23
N VAL B 3 -17.94 1.85 12.77
CA VAL B 3 -16.87 1.03 12.22
C VAL B 3 -15.73 1.22 13.21
N LEU B 4 -15.37 0.17 13.95
CA LEU B 4 -14.30 0.27 14.94
C LEU B 4 -12.93 0.22 14.24
N ALA B 5 -12.17 1.31 14.33
CA ALA B 5 -10.82 1.32 13.72
C ALA B 5 -9.96 0.63 14.77
N LEU B 6 -9.76 -0.66 14.61
CA LEU B 6 -9.00 -1.45 15.57
C LEU B 6 -7.48 -1.32 15.43
N ASP B 7 -6.95 -0.15 15.78
CA ASP B 7 -5.52 0.15 15.68
C ASP B 7 -4.77 -0.20 16.95
N VAL B 8 -4.89 -1.50 17.27
CA VAL B 8 -4.29 -2.19 18.42
C VAL B 8 -3.47 -3.29 17.75
N TYR B 9 -2.15 -3.13 17.68
CA TYR B 9 -1.32 -4.07 16.96
C TYR B 9 -0.93 -5.40 17.59
N GLU B 10 -1.44 -5.66 18.79
CA GLU B 10 -1.22 -6.91 19.49
C GLU B 10 -2.51 -7.70 19.26
N GLY B 11 -2.44 -8.67 18.34
CA GLY B 11 -3.61 -9.48 18.00
C GLY B 11 -4.61 -9.90 19.07
N GLU B 12 -4.11 -10.46 20.17
CA GLU B 12 -4.99 -10.91 21.23
C GLU B 12 -5.64 -9.74 21.95
N ARG B 13 -4.90 -8.64 22.10
CA ARG B 13 -5.44 -7.45 22.74
C ARG B 13 -6.52 -6.81 21.85
N ALA B 14 -6.31 -6.93 20.53
CA ALA B 14 -7.28 -6.39 19.57
C ALA B 14 -8.57 -7.21 19.65
N ILE B 15 -8.44 -8.53 19.67
CA ILE B 15 -9.60 -9.40 19.78
C ILE B 15 -10.37 -9.09 21.07
N LYS B 16 -9.64 -9.01 22.18
CA LYS B 16 -10.24 -8.72 23.48
C LYS B 16 -11.10 -7.45 23.43
N ILE B 17 -10.53 -6.37 22.89
CA ILE B 17 -11.26 -5.11 22.80
C ILE B 17 -12.43 -5.19 21.82
N ALA B 18 -12.21 -5.83 20.67
CA ALA B 18 -13.26 -5.95 19.65
C ALA B 18 -14.46 -6.71 20.20
N LYS B 19 -14.19 -7.76 20.97
CA LYS B 19 -15.25 -8.56 21.56
C LYS B 19 -16.07 -7.79 22.58
N SER B 20 -15.42 -6.96 23.39
CA SER B 20 -16.14 -6.21 24.41
C SER B 20 -17.08 -5.12 23.89
N VAL B 21 -16.96 -4.76 22.62
CA VAL B 21 -17.82 -3.74 22.02
C VAL B 21 -18.59 -4.25 20.80
N LYS B 22 -18.46 -5.53 20.50
CA LYS B 22 -19.10 -6.12 19.32
C LYS B 22 -20.58 -5.83 19.08
N ASP B 23 -21.36 -5.61 20.14
CA ASP B 23 -22.78 -5.39 19.96
C ASP B 23 -23.18 -3.93 19.73
N TYR B 24 -22.18 -3.03 19.65
CA TYR B 24 -22.40 -1.61 19.38
C TYR B 24 -21.71 -1.18 18.08
N ILE B 25 -21.09 -2.13 17.39
CA ILE B 25 -20.40 -1.80 16.14
C ILE B 25 -20.95 -2.60 14.98
N SER B 26 -20.80 -2.05 13.77
CA SER B 26 -21.28 -2.68 12.55
C SER B 26 -20.15 -3.39 11.83
N MET B 27 -18.96 -2.79 11.88
CA MET B 27 -17.78 -3.39 11.23
C MET B 27 -16.51 -3.08 12.03
N ILE B 28 -15.43 -3.73 11.62
CA ILE B 28 -14.11 -3.55 12.22
C ILE B 28 -13.16 -3.26 11.07
N LYS B 29 -12.37 -2.19 11.19
CA LYS B 29 -11.40 -1.86 10.17
C LYS B 29 -10.00 -2.19 10.69
N VAL B 30 -9.20 -2.91 9.90
CA VAL B 30 -7.85 -3.24 10.33
C VAL B 30 -6.85 -2.77 9.29
N ASN B 31 -5.67 -2.32 9.72
CA ASN B 31 -4.68 -1.92 8.74
C ASN B 31 -3.46 -2.82 8.74
N TRP B 32 -2.49 -2.49 7.90
CA TRP B 32 -1.30 -3.31 7.77
C TRP B 32 -0.56 -3.68 9.06
N PRO B 33 -0.34 -2.72 9.98
CA PRO B 33 0.37 -3.06 11.22
C PRO B 33 -0.21 -4.24 12.00
N LEU B 34 -1.53 -4.31 12.12
CA LEU B 34 -2.15 -5.42 12.83
C LEU B 34 -1.93 -6.72 12.04
N ILE B 35 -2.09 -6.64 10.72
CA ILE B 35 -1.91 -7.80 9.86
C ILE B 35 -0.45 -8.26 9.95
N LEU B 36 0.47 -7.31 10.00
CA LEU B 36 1.90 -7.64 10.09
C LEU B 36 2.25 -8.26 11.43
N GLY B 37 1.66 -7.72 12.50
CA GLY B 37 1.93 -8.21 13.83
C GLY B 37 1.33 -9.56 14.20
N SER B 38 0.09 -9.84 13.76
CA SER B 38 -0.57 -11.09 14.10
C SER B 38 -0.76 -12.05 12.94
N GLY B 39 -0.45 -11.59 11.73
CA GLY B 39 -0.64 -12.44 10.56
C GLY B 39 -2.01 -12.10 10.00
N VAL B 40 -2.21 -12.32 8.69
CA VAL B 40 -3.49 -12.00 8.04
C VAL B 40 -4.66 -12.85 8.53
N ASP B 41 -4.37 -13.94 9.22
CA ASP B 41 -5.40 -14.82 9.75
C ASP B 41 -6.17 -14.13 10.88
N ILE B 42 -5.63 -13.02 11.38
CA ILE B 42 -6.30 -12.30 12.45
C ILE B 42 -7.67 -11.80 11.97
N ILE B 43 -7.83 -11.66 10.66
CA ILE B 43 -9.09 -11.21 10.10
C ILE B 43 -10.14 -12.29 10.35
N ARG B 44 -9.78 -13.54 10.11
CA ARG B 44 -10.73 -14.63 10.33
C ARG B 44 -11.13 -14.70 11.80
N ARG B 45 -10.14 -14.60 12.68
CA ARG B 45 -10.42 -14.68 14.11
C ARG B 45 -11.31 -13.55 14.59
N LEU B 46 -11.03 -12.31 14.16
CA LEU B 46 -11.85 -11.17 14.57
C LEU B 46 -13.30 -11.37 14.14
N LYS B 47 -13.49 -11.91 12.95
CA LYS B 47 -14.83 -12.16 12.41
C LYS B 47 -15.57 -13.24 13.22
N GLU B 48 -14.87 -14.32 13.57
CA GLU B 48 -15.47 -15.42 14.34
C GLU B 48 -15.82 -14.96 15.74
N GLU B 49 -14.91 -14.20 16.34
CA GLU B 49 -15.07 -13.69 17.71
C GLU B 49 -16.08 -12.57 17.88
N THR B 50 -16.32 -11.80 16.81
CA THR B 50 -17.25 -10.68 16.93
C THR B 50 -18.54 -10.79 16.12
N GLY B 51 -18.48 -11.50 15.00
CA GLY B 51 -19.67 -11.65 14.16
C GLY B 51 -19.95 -10.42 13.30
N VAL B 52 -18.96 -9.54 13.14
CA VAL B 52 -19.16 -8.36 12.32
C VAL B 52 -18.23 -8.40 11.11
N GLU B 53 -18.62 -7.69 10.05
CA GLU B 53 -17.84 -7.65 8.82
C GLU B 53 -16.53 -6.92 9.04
N ILE B 54 -15.54 -7.27 8.22
CA ILE B 54 -14.21 -6.70 8.36
C ILE B 54 -13.77 -5.92 7.13
N ILE B 55 -13.25 -4.72 7.36
CA ILE B 55 -12.71 -3.89 6.29
C ILE B 55 -11.18 -3.92 6.41
N ALA B 56 -10.48 -4.25 5.34
CA ALA B 56 -9.03 -4.26 5.35
C ALA B 56 -8.60 -2.93 4.74
N ASP B 57 -8.14 -2.01 5.58
CA ASP B 57 -7.72 -0.70 5.12
C ASP B 57 -6.28 -0.80 4.62
N LEU B 58 -6.11 -1.36 3.44
CA LEU B 58 -4.78 -1.55 2.88
C LEU B 58 -4.30 -0.40 2.00
N LYS B 59 -5.25 0.36 1.44
CA LYS B 59 -4.94 1.45 0.52
C LYS B 59 -4.05 0.95 -0.62
N LEU B 60 -4.52 -0.13 -1.25
CA LEU B 60 -3.79 -0.75 -2.36
C LEU B 60 -3.52 0.27 -3.46
N ALA B 61 -2.29 0.27 -3.96
CA ALA B 61 -1.87 1.22 -5.00
C ALA B 61 -0.79 0.60 -5.88
N ASP B 62 -0.99 -0.64 -6.29
CA ASP B 62 -0.02 -1.29 -7.15
C ASP B 62 -0.63 -1.57 -8.53
N ILE B 63 0.14 -2.24 -9.40
CA ILE B 63 -0.35 -2.59 -10.74
C ILE B 63 -1.49 -3.61 -10.59
N PRO B 64 -2.36 -3.73 -11.59
CA PRO B 64 -3.48 -4.67 -11.53
C PRO B 64 -3.16 -6.07 -11.02
N ASN B 65 -2.19 -6.74 -11.64
CA ASN B 65 -1.87 -8.10 -11.20
C ASN B 65 -1.50 -8.23 -9.73
N THR B 66 -0.71 -7.28 -9.24
CA THR B 66 -0.31 -7.31 -7.83
C THR B 66 -1.45 -6.93 -6.90
N ASN B 67 -2.25 -5.95 -7.31
CA ASN B 67 -3.39 -5.58 -6.49
C ASN B 67 -4.30 -6.82 -6.39
N ARG B 68 -4.43 -7.57 -7.49
CA ARG B 68 -5.31 -8.75 -7.47
C ARG B 68 -4.77 -9.84 -6.55
N LEU B 69 -3.46 -10.09 -6.61
CA LEU B 69 -2.83 -11.08 -5.75
C LEU B 69 -3.08 -10.73 -4.29
N ILE B 70 -2.86 -9.47 -3.94
CA ILE B 70 -3.07 -9.05 -2.56
C ILE B 70 -4.54 -9.21 -2.16
N ALA B 71 -5.43 -8.72 -2.99
CA ALA B 71 -6.85 -8.81 -2.71
C ALA B 71 -7.31 -10.25 -2.59
N ARG B 72 -6.85 -11.11 -3.48
CA ARG B 72 -7.24 -12.52 -3.41
C ARG B 72 -6.89 -13.07 -2.04
N LYS B 73 -5.67 -12.80 -1.59
CA LYS B 73 -5.26 -13.30 -0.28
C LYS B 73 -6.05 -12.70 0.87
N VAL B 74 -6.27 -11.39 0.83
CA VAL B 74 -6.98 -10.72 1.92
C VAL B 74 -8.48 -11.04 1.94
N PHE B 75 -9.15 -11.04 0.79
CA PHE B 75 -10.57 -11.40 0.78
C PHE B 75 -10.64 -12.88 1.21
N GLY B 76 -9.67 -13.65 0.72
CA GLY B 76 -9.63 -15.07 1.04
C GLY B 76 -9.45 -15.32 2.52
N ALA B 77 -8.75 -14.40 3.19
CA ALA B 77 -8.50 -14.50 4.62
C ALA B 77 -9.76 -14.08 5.41
N GLY B 78 -10.79 -13.65 4.70
CA GLY B 78 -12.00 -13.26 5.41
C GLY B 78 -12.39 -11.80 5.37
N ALA B 79 -11.63 -10.97 4.68
CA ALA B 79 -11.99 -9.55 4.61
C ALA B 79 -13.28 -9.40 3.81
N ASP B 80 -14.12 -8.47 4.21
CA ASP B 80 -15.38 -8.24 3.53
C ASP B 80 -15.27 -7.05 2.59
N TYR B 81 -14.31 -6.17 2.86
CA TYR B 81 -14.10 -4.99 2.04
C TYR B 81 -12.61 -4.67 2.07
N VAL B 82 -12.12 -4.08 0.99
CA VAL B 82 -10.73 -3.67 0.91
C VAL B 82 -10.71 -2.21 0.48
N ILE B 83 -9.92 -1.38 1.16
CA ILE B 83 -9.85 0.02 0.78
C ILE B 83 -8.73 0.15 -0.24
N VAL B 84 -9.04 0.82 -1.35
CA VAL B 84 -8.09 0.97 -2.45
C VAL B 84 -7.97 2.42 -2.89
N HIS B 85 -6.79 2.80 -3.35
CA HIS B 85 -6.57 4.15 -3.86
C HIS B 85 -7.12 4.28 -5.27
N THR B 86 -7.54 5.48 -5.62
CA THR B 86 -8.07 5.76 -6.94
C THR B 86 -6.96 6.26 -7.83
N PHE B 87 -5.94 6.90 -7.24
CA PHE B 87 -4.88 7.48 -8.05
C PHE B 87 -4.08 6.57 -8.94
N VAL B 88 -4.07 5.27 -8.65
CA VAL B 88 -3.28 4.36 -9.48
C VAL B 88 -4.00 3.98 -10.76
N GLY B 89 -5.25 4.41 -10.90
CA GLY B 89 -5.97 4.12 -12.13
C GLY B 89 -7.12 3.15 -12.00
N ARG B 90 -8.02 3.19 -12.99
CA ARG B 90 -9.19 2.33 -12.99
C ARG B 90 -8.89 0.84 -13.04
N ASP B 91 -7.90 0.46 -13.85
CA ASP B 91 -7.59 -0.96 -13.97
C ASP B 91 -7.14 -1.54 -12.63
N SER B 92 -6.33 -0.80 -11.89
CA SER B 92 -5.90 -1.31 -10.59
C SER B 92 -7.06 -1.40 -9.60
N VAL B 93 -8.00 -0.45 -9.68
CA VAL B 93 -9.17 -0.51 -8.80
C VAL B 93 -10.06 -1.70 -9.16
N MET B 94 -10.31 -1.88 -10.45
CA MET B 94 -11.17 -2.98 -10.91
C MET B 94 -10.57 -4.35 -10.59
N ALA B 95 -9.24 -4.44 -10.62
CA ALA B 95 -8.56 -5.70 -10.32
C ALA B 95 -8.96 -6.17 -8.93
N VAL B 96 -9.22 -5.22 -8.04
CA VAL B 96 -9.61 -5.57 -6.68
C VAL B 96 -11.12 -5.80 -6.63
N LYS B 97 -11.87 -4.89 -7.24
CA LYS B 97 -13.34 -4.97 -7.26
C LYS B 97 -13.88 -6.30 -7.79
N GLU B 98 -13.20 -6.88 -8.76
CA GLU B 98 -13.62 -8.13 -9.35
C GLU B 98 -13.54 -9.31 -8.37
N LEU B 99 -12.81 -9.12 -7.27
CA LEU B 99 -12.68 -10.18 -6.27
C LEU B 99 -13.48 -9.96 -4.98
N GLY B 100 -13.94 -8.73 -4.77
CA GLY B 100 -14.71 -8.44 -3.58
C GLY B 100 -15.11 -6.99 -3.51
N GLU B 101 -15.89 -6.64 -2.48
CA GLU B 101 -16.34 -5.26 -2.33
C GLU B 101 -15.21 -4.32 -1.93
N ILE B 102 -15.25 -3.11 -2.50
CA ILE B 102 -14.22 -2.12 -2.23
C ILE B 102 -14.73 -0.77 -1.75
N ILE B 103 -13.80 -0.03 -1.13
CA ILE B 103 -14.06 1.32 -0.62
C ILE B 103 -12.91 2.13 -1.23
N MET B 104 -13.25 3.21 -1.94
CA MET B 104 -12.24 4.03 -2.60
C MET B 104 -11.81 5.29 -1.87
N VAL B 105 -10.53 5.62 -2.01
CA VAL B 105 -9.99 6.83 -1.39
C VAL B 105 -10.05 7.92 -2.45
N VAL B 106 -10.81 8.99 -2.16
CA VAL B 106 -10.94 10.10 -3.10
C VAL B 106 -10.42 11.40 -2.47
N GLU B 107 -10.12 11.35 -1.17
CA GLU B 107 -9.61 12.53 -0.47
C GLU B 107 -8.98 12.08 0.85
N MET B 108 -7.93 12.77 1.31
CA MET B 108 -7.30 12.42 2.59
C MET B 108 -7.19 13.64 3.48
N SER B 109 -6.91 13.42 4.76
CA SER B 109 -6.87 14.50 5.75
C SER B 109 -5.56 14.91 6.35
N HIS B 110 -4.47 14.24 5.99
CA HIS B 110 -3.17 14.63 6.50
C HIS B 110 -2.67 15.78 5.62
N PRO B 111 -1.73 16.59 6.13
CA PRO B 111 -1.20 17.72 5.37
C PRO B 111 -0.72 17.37 3.96
N GLY B 112 0.00 16.26 3.85
CA GLY B 112 0.51 15.83 2.55
C GLY B 112 -0.57 15.64 1.49
N ALA B 113 -1.81 15.45 1.93
CA ALA B 113 -2.93 15.26 1.01
C ALA B 113 -3.17 16.47 0.10
N LEU B 114 -2.78 17.65 0.57
CA LEU B 114 -2.97 18.88 -0.19
C LEU B 114 -2.09 18.97 -1.45
N GLU B 115 -0.98 18.24 -1.43
CA GLU B 115 -0.05 18.27 -2.56
C GLU B 115 -0.59 17.71 -3.87
N PHE B 116 -1.09 16.48 -3.86
CA PHE B 116 -1.59 15.87 -5.09
C PHE B 116 -2.97 15.21 -5.03
N ILE B 117 -3.28 14.53 -3.93
CA ILE B 117 -4.58 13.85 -3.81
C ILE B 117 -5.80 14.75 -3.80
N ASN B 118 -5.85 15.70 -2.86
CA ASN B 118 -7.01 16.57 -2.74
C ASN B 118 -7.31 17.45 -3.94
N PRO B 119 -6.27 17.91 -4.66
CA PRO B 119 -6.55 18.74 -5.84
C PRO B 119 -7.30 17.90 -6.89
N LEU B 120 -7.22 16.58 -6.75
CA LEU B 120 -7.88 15.67 -7.70
C LEU B 120 -9.18 15.03 -7.18
N THR B 121 -9.59 15.38 -5.97
CA THR B 121 -10.82 14.80 -5.40
C THR B 121 -12.05 14.85 -6.33
N ASP B 122 -12.35 15.99 -6.95
CA ASP B 122 -13.51 16.01 -7.86
C ASP B 122 -13.39 14.92 -8.93
N ARG B 123 -12.22 14.80 -9.56
CA ARG B 123 -12.03 13.79 -10.58
C ARG B 123 -12.12 12.37 -10.01
N PHE B 124 -11.63 12.16 -8.78
CA PHE B 124 -11.69 10.85 -8.19
C PHE B 124 -13.13 10.45 -7.91
N ILE B 125 -13.92 11.42 -7.48
CA ILE B 125 -15.33 11.17 -7.22
C ILE B 125 -16.01 10.72 -8.52
N GLU B 126 -15.68 11.35 -9.64
CA GLU B 126 -16.32 10.95 -10.89
C GLU B 126 -15.88 9.54 -11.30
N VAL B 127 -14.65 9.18 -10.95
CA VAL B 127 -14.17 7.83 -11.27
C VAL B 127 -14.94 6.88 -10.38
N ALA B 128 -15.14 7.25 -9.11
CA ALA B 128 -15.88 6.37 -8.22
C ALA B 128 -17.33 6.26 -8.72
N ASN B 129 -17.86 7.35 -9.26
CA ASN B 129 -19.22 7.33 -9.77
C ASN B 129 -19.41 6.32 -10.89
N GLU B 130 -18.37 6.16 -11.70
CA GLU B 130 -18.43 5.23 -12.80
C GLU B 130 -18.25 3.79 -12.34
N ILE B 131 -17.27 3.57 -11.46
CA ILE B 131 -16.97 2.23 -10.95
C ILE B 131 -18.03 1.69 -10.00
N GLU B 132 -18.63 2.58 -9.24
CA GLU B 132 -19.65 2.20 -8.28
C GLU B 132 -19.18 1.21 -7.20
N PRO B 133 -18.20 1.63 -6.38
CA PRO B 133 -17.67 0.78 -5.29
C PRO B 133 -18.73 0.74 -4.18
N PHE B 134 -18.51 -0.08 -3.16
CA PHE B 134 -19.47 -0.13 -2.04
C PHE B 134 -19.51 1.26 -1.38
N GLY B 135 -18.34 1.89 -1.28
CA GLY B 135 -18.29 3.23 -0.68
C GLY B 135 -17.00 3.99 -0.90
N VAL B 136 -16.93 5.19 -0.33
CA VAL B 136 -15.73 6.00 -0.38
C VAL B 136 -15.58 6.56 1.01
N ILE B 137 -14.35 6.90 1.36
CA ILE B 137 -14.07 7.49 2.65
C ILE B 137 -14.21 9.00 2.56
N ALA B 138 -14.81 9.60 3.59
CA ALA B 138 -14.99 11.03 3.64
C ALA B 138 -14.50 11.53 5.00
N PRO B 139 -13.83 12.69 5.00
CA PRO B 139 -13.26 13.33 6.20
C PRO B 139 -14.25 13.75 7.30
N GLY B 140 -14.28 12.98 8.38
CA GLY B 140 -15.18 13.28 9.48
C GLY B 140 -14.77 14.50 10.30
N THR B 141 -13.54 14.95 10.12
CA THR B 141 -13.07 16.11 10.85
C THR B 141 -13.58 17.41 10.24
N ARG B 142 -14.20 17.32 9.07
CA ARG B 142 -14.72 18.51 8.40
C ARG B 142 -16.02 18.13 7.71
N PRO B 143 -17.10 18.07 8.49
CA PRO B 143 -18.43 17.72 8.02
C PRO B 143 -18.87 18.45 6.75
N GLU B 144 -18.26 19.61 6.50
CA GLU B 144 -18.58 20.36 5.30
C GLU B 144 -18.14 19.56 4.07
N ARG B 145 -17.04 18.81 4.20
CA ARG B 145 -16.56 17.99 3.09
C ARG B 145 -17.40 16.73 2.87
N ILE B 146 -17.99 16.20 3.93
CA ILE B 146 -18.84 15.02 3.80
C ILE B 146 -20.03 15.38 2.90
N GLY B 147 -20.63 16.54 3.17
CA GLY B 147 -21.78 16.98 2.38
C GLY B 147 -21.41 17.30 0.94
N TYR B 148 -20.24 17.90 0.76
CA TYR B 148 -19.72 18.26 -0.56
C TYR B 148 -19.55 16.99 -1.40
N ILE B 149 -18.95 15.97 -0.78
CA ILE B 149 -18.72 14.69 -1.44
C ILE B 149 -20.07 14.02 -1.70
N ARG B 150 -20.90 13.93 -0.68
CA ARG B 150 -22.21 13.31 -0.80
C ARG B 150 -23.01 13.87 -1.98
N ASP B 151 -23.00 15.19 -2.15
CA ASP B 151 -23.76 15.78 -3.25
C ASP B 151 -23.31 15.34 -4.62
N ARG B 152 -22.00 15.14 -4.77
CA ARG B 152 -21.42 14.76 -6.05
C ARG B 152 -21.25 13.28 -6.24
N LEU B 153 -21.55 12.50 -5.21
CA LEU B 153 -21.39 11.06 -5.27
C LEU B 153 -22.67 10.36 -5.72
N LYS B 154 -22.54 9.43 -6.66
CA LYS B 154 -23.70 8.73 -7.17
C LYS B 154 -24.48 8.13 -6.01
N GLU B 155 -25.80 8.25 -6.09
CA GLU B 155 -26.68 7.71 -5.07
C GLU B 155 -26.48 6.20 -5.04
N GLY B 156 -26.31 5.65 -3.85
CA GLY B 156 -26.11 4.22 -3.76
C GLY B 156 -24.73 3.91 -3.23
N ILE B 157 -23.77 4.79 -3.49
CA ILE B 157 -22.42 4.58 -2.96
C ILE B 157 -22.45 5.13 -1.55
N LYS B 158 -21.98 4.35 -0.58
CA LYS B 158 -21.96 4.74 0.83
C LYS B 158 -20.77 5.62 1.18
N ILE B 159 -20.88 6.33 2.29
CA ILE B 159 -19.80 7.18 2.76
C ILE B 159 -19.44 6.75 4.16
N LEU B 160 -18.14 6.52 4.41
CA LEU B 160 -17.69 6.12 5.72
C LEU B 160 -16.73 7.22 6.12
N ALA B 161 -16.89 7.73 7.34
CA ALA B 161 -16.06 8.84 7.78
C ALA B 161 -15.29 8.67 9.08
N PRO B 162 -13.96 8.74 9.01
CA PRO B 162 -13.05 8.63 10.16
C PRO B 162 -12.90 10.07 10.68
N GLY B 163 -12.08 10.27 11.70
CA GLY B 163 -11.87 11.60 12.24
C GLY B 163 -12.74 11.96 13.43
N ILE B 164 -13.49 10.99 13.95
CA ILE B 164 -14.36 11.25 15.08
C ILE B 164 -13.67 10.93 16.42
N GLY B 165 -13.75 11.88 17.35
CA GLY B 165 -13.14 11.70 18.65
C GLY B 165 -11.77 12.33 18.75
N ALA B 166 -10.74 11.49 18.77
CA ALA B 166 -9.34 11.93 18.87
C ALA B 166 -8.92 13.05 17.92
N GLN B 167 -9.39 13.00 16.67
CA GLN B 167 -9.03 14.02 15.69
C GLN B 167 -9.93 15.24 15.79
N GLY B 168 -10.91 15.19 16.70
CA GLY B 168 -11.80 16.33 16.90
C GLY B 168 -13.17 16.32 16.23
N GLY B 169 -13.46 15.32 15.41
CA GLY B 169 -14.75 15.29 14.74
C GLY B 169 -15.84 14.74 15.62
N LYS B 170 -17.08 15.13 15.31
CA LYS B 170 -18.25 14.69 16.06
C LYS B 170 -19.10 13.71 15.25
N ALA B 171 -19.52 12.64 15.91
CA ALA B 171 -20.34 11.62 15.25
C ALA B 171 -21.64 12.21 14.73
N LYS B 172 -22.33 12.96 15.58
CA LYS B 172 -23.60 13.57 15.20
C LYS B 172 -23.46 14.44 13.96
N ASP B 173 -22.39 15.22 13.91
CA ASP B 173 -22.14 16.10 12.77
C ASP B 173 -21.91 15.32 11.48
N ALA B 174 -21.06 14.29 11.54
CA ALA B 174 -20.76 13.49 10.37
C ALA B 174 -22.01 12.79 9.78
N VAL B 175 -22.83 12.20 10.64
CA VAL B 175 -24.05 11.54 10.17
C VAL B 175 -24.99 12.54 9.53
N LYS B 176 -25.18 13.68 10.20
CA LYS B 176 -26.04 14.74 9.69
C LYS B 176 -25.59 15.17 8.28
N ALA B 177 -24.28 15.24 8.09
CA ALA B 177 -23.73 15.64 6.79
C ALA B 177 -23.84 14.57 5.70
N GLY B 178 -24.24 13.36 6.07
CA GLY B 178 -24.38 12.32 5.06
C GLY B 178 -23.54 11.06 5.21
N ALA B 179 -22.82 10.91 6.32
CA ALA B 179 -22.03 9.70 6.49
C ALA B 179 -22.91 8.50 6.82
N ASP B 180 -22.74 7.40 6.10
CA ASP B 180 -23.51 6.20 6.41
C ASP B 180 -22.88 5.50 7.60
N TYR B 181 -21.54 5.49 7.61
CA TYR B 181 -20.78 4.88 8.69
C TYR B 181 -19.80 5.86 9.32
N ILE B 182 -19.62 5.74 10.63
CA ILE B 182 -18.69 6.57 11.38
C ILE B 182 -17.53 5.67 11.82
N ILE B 183 -16.33 5.99 11.37
CA ILE B 183 -15.14 5.21 11.72
C ILE B 183 -14.49 5.81 12.95
N VAL B 184 -14.37 5.00 14.00
CA VAL B 184 -13.79 5.48 15.26
C VAL B 184 -12.74 4.55 15.83
N GLY B 185 -11.57 5.10 16.12
CA GLY B 185 -10.48 4.33 16.70
C GLY B 185 -10.26 4.61 18.19
N ARG B 186 -9.28 5.46 18.47
CA ARG B 186 -8.92 5.82 19.84
C ARG B 186 -10.06 6.09 20.82
N ALA B 187 -11.09 6.81 20.38
CA ALA B 187 -12.20 7.15 21.27
C ALA B 187 -12.86 5.92 21.84
N ILE B 188 -12.67 4.77 21.19
CA ILE B 188 -13.24 3.52 21.73
C ILE B 188 -12.16 2.60 22.26
N TYR B 189 -11.14 2.27 21.46
CA TYR B 189 -10.13 1.34 21.97
C TYR B 189 -9.22 1.86 23.09
N ASN B 190 -9.11 3.18 23.25
CA ASN B 190 -8.30 3.75 24.33
C ASN B 190 -9.20 4.29 25.45
N ALA B 191 -10.51 4.10 25.34
CA ALA B 191 -11.41 4.56 26.39
C ALA B 191 -11.20 3.72 27.64
N PRO B 192 -11.28 4.34 28.83
CA PRO B 192 -11.09 3.60 30.07
C PRO B 192 -11.95 2.34 30.03
N ASN B 193 -13.16 2.49 29.47
CA ASN B 193 -14.12 1.40 29.29
C ASN B 193 -14.66 1.47 27.86
N PRO B 194 -14.04 0.71 26.95
CA PRO B 194 -14.43 0.68 25.54
C PRO B 194 -15.91 0.44 25.24
N ARG B 195 -16.52 -0.53 25.92
CA ARG B 195 -17.93 -0.81 25.67
C ARG B 195 -18.81 0.40 25.97
N GLU B 196 -18.46 1.12 27.03
CA GLU B 196 -19.20 2.31 27.43
C GLU B 196 -19.02 3.39 26.37
N ALA B 197 -17.78 3.54 25.90
CA ALA B 197 -17.49 4.54 24.88
C ALA B 197 -18.25 4.23 23.60
N ALA B 198 -18.25 2.96 23.20
CA ALA B 198 -18.93 2.53 21.99
C ALA B 198 -20.44 2.78 22.11
N LYS B 199 -21.01 2.49 23.27
CA LYS B 199 -22.45 2.72 23.51
C LYS B 199 -22.76 4.21 23.38
N ALA B 200 -21.95 5.05 24.00
CA ALA B 200 -22.17 6.49 23.94
C ALA B 200 -22.25 7.02 22.49
N ILE B 201 -21.29 6.64 21.67
CA ILE B 201 -21.27 7.09 20.27
C ILE B 201 -22.49 6.51 19.57
N TYR B 202 -22.82 5.28 19.92
CA TYR B 202 -23.96 4.57 19.38
C TYR B 202 -25.22 5.39 19.69
N ASP B 203 -25.31 5.82 20.94
CA ASP B 203 -26.44 6.63 21.39
C ASP B 203 -26.46 7.99 20.70
N GLU B 204 -25.30 8.61 20.60
CA GLU B 204 -25.19 9.91 19.94
C GLU B 204 -25.74 9.81 18.51
N ILE B 205 -25.29 8.78 17.77
CA ILE B 205 -25.74 8.60 16.38
C ILE B 205 -27.23 8.30 16.26
N ARG B 206 -27.78 7.61 17.25
CA ARG B 206 -29.20 7.28 17.27
C ARG B 206 -30.07 8.51 17.55
N GLY B 207 -29.57 9.39 18.40
CA GLY B 207 -30.33 10.58 18.75
C GLY B 207 -30.43 11.54 17.59
N VAL B 208 -30.10 11.00 16.42
CA VAL B 208 -30.05 11.72 15.15
C VAL B 208 -28.60 12.19 15.05
#